data_3IP9
#
_entry.id   3IP9
#
_cell.length_a   119.700
_cell.length_b   43.060
_cell.length_c   66.460
_cell.angle_alpha   90.00
_cell.angle_beta   109.84
_cell.angle_gamma   90.00
#
_symmetry.space_group_name_H-M   'C 1 2 1'
#
loop_
_entity.id
_entity.type
_entity.pdbx_description
1 polymer 'ABC transporter, substrate binding protein (Amino acid)'
2 non-polymer 'GAMMA-AMINO-BUTANOIC ACID'
3 non-polymer 'SULFATE ION'
4 water water
#
_entity_poly.entity_id   1
_entity_poly.type   'polypeptide(L)'
_entity_poly.pdbx_seq_one_letter_code
;MDVVIAVGAPLTGPNAAFGAQIQKGAEQAAKDINAAGGINGEQIKIVLGDDVSDPKQGISVANKFVADGVKFVVGHFNSG
VSIPASEVYAENGILEITPAATNPVFTERGLWNTFRTCGRDDQQGGIAGKYLADHFKDAKVAIIHDKTPYGQGLADETKK
AANAAGVTEVMYEGVNVGDKDFSALISKMKEAGVSIIYWGGLHTEAGLIIRQAADQGLKAKLVSGDGIVSNELASIAGDA
VEGTLNTFGPDPTLRPENKELVEKFKAAGFNPEAYTLYSYAAMQAIAGAAKAAGSVEPEKVAEALKKGSFPTALGEISFD
EKGDPKLPGYVMYEWKKGPDGKFTYIQQGSHHHHHH
;
_entity_poly.pdbx_strand_id   A
#
# COMPACT_ATOMS: atom_id res chain seq x y z
N MET A 1 18.67 26.21 -4.91
CA MET A 1 18.30 25.83 -3.55
C MET A 1 17.70 24.43 -3.51
N ASP A 2 17.78 23.79 -2.35
CA ASP A 2 17.35 22.41 -2.20
C ASP A 2 15.87 22.20 -2.55
N VAL A 3 15.57 21.09 -3.22
CA VAL A 3 14.19 20.68 -3.43
C VAL A 3 13.72 19.94 -2.18
N VAL A 4 12.73 20.50 -1.49
CA VAL A 4 12.28 19.92 -0.24
C VAL A 4 11.19 18.90 -0.49
N ILE A 5 11.48 17.64 -0.18
CA ILE A 5 10.53 16.56 -0.42
C ILE A 5 10.24 15.86 0.90
N ALA A 6 8.96 15.72 1.20
CA ALA A 6 8.55 15.15 2.48
C ALA A 6 8.18 13.69 2.34
N VAL A 7 8.39 12.93 3.41
CA VAL A 7 7.83 11.60 3.53
C VAL A 7 6.74 11.66 4.59
N GLY A 8 5.49 11.50 4.16
CA GLY A 8 4.37 11.46 5.08
C GLY A 8 3.97 10.01 5.24
N ALA A 9 4.08 9.49 6.46
CA ALA A 9 3.90 8.05 6.64
C ALA A 9 3.64 7.73 8.10
N PRO A 10 3.13 6.51 8.36
CA PRO A 10 2.95 6.06 9.74
C PRO A 10 4.27 5.55 10.31
N LEU A 11 5.09 6.46 10.84
CA LEU A 11 6.39 6.12 11.37
C LEU A 11 6.24 5.46 12.74
N THR A 12 5.13 5.74 13.40
CA THR A 12 4.78 5.04 14.64
C THR A 12 3.34 4.54 14.57
N GLY A 13 2.92 3.79 15.58
CA GLY A 13 1.57 3.24 15.60
C GLY A 13 1.52 1.86 14.96
N PRO A 14 0.30 1.33 14.75
CA PRO A 14 0.09 -0.04 14.29
C PRO A 14 0.81 -0.36 12.98
N ASN A 15 0.95 0.63 12.11
CA ASN A 15 1.49 0.40 10.78
C ASN A 15 2.91 0.91 10.61
N ALA A 16 3.62 0.99 11.72
CA ALA A 16 4.98 1.50 11.75
C ALA A 16 5.88 0.75 10.78
N ALA A 17 5.61 -0.54 10.60
CA ALA A 17 6.48 -1.33 9.70
C ALA A 17 6.35 -0.82 8.27
N PHE A 18 5.15 -0.40 7.90
CA PHE A 18 4.92 0.14 6.56
C PHE A 18 5.50 1.55 6.45
N GLY A 19 5.44 2.29 7.54
CA GLY A 19 6.07 3.60 7.60
C GLY A 19 7.56 3.47 7.33
N ALA A 20 8.17 2.43 7.89
CA ALA A 20 9.60 2.17 7.69
C ALA A 20 9.92 1.84 6.23
N GLN A 21 9.08 1.04 5.59
CA GLN A 21 9.27 0.73 4.17
C GLN A 21 9.29 2.02 3.35
N ILE A 22 8.32 2.89 3.61
CA ILE A 22 8.17 4.11 2.85
C ILE A 22 9.32 5.08 3.12
N GLN A 23 9.69 5.23 4.38
CA GLN A 23 10.79 6.11 4.75
C GLN A 23 12.11 5.62 4.15
N LYS A 24 12.42 4.35 4.37
CA LYS A 24 13.70 3.81 3.89
C LYS A 24 13.82 3.89 2.37
N GLY A 25 12.73 3.57 1.66
CA GLY A 25 12.73 3.61 0.21
C GLY A 25 12.97 5.01 -0.33
N ALA A 26 12.23 5.98 0.19
CA ALA A 26 12.33 7.35 -0.27
C ALA A 26 13.69 7.97 0.09
N GLU A 27 14.16 7.70 1.31
CA GLU A 27 15.46 8.19 1.76
C GLU A 27 16.62 7.66 0.88
N GLN A 28 16.58 6.37 0.55
CA GLN A 28 17.64 5.83 -0.30
C GLN A 28 17.60 6.41 -1.71
N ALA A 29 16.39 6.61 -2.23
CA ALA A 29 16.25 7.17 -3.57
C ALA A 29 16.80 8.59 -3.60
N ALA A 30 16.53 9.36 -2.54
CA ALA A 30 17.01 10.73 -2.47
C ALA A 30 18.54 10.76 -2.45
N LYS A 31 19.12 9.83 -1.69
CA LYS A 31 20.56 9.70 -1.60
C LYS A 31 21.16 9.37 -2.97
N ASP A 32 20.54 8.43 -3.67
CA ASP A 32 21.03 8.01 -4.99
C ASP A 32 20.84 9.11 -6.04
N ILE A 33 19.73 9.83 -5.95
CA ILE A 33 19.47 10.90 -6.90
C ILE A 33 20.44 12.05 -6.62
N ASN A 34 20.67 12.33 -5.33
CA ASN A 34 21.61 13.37 -4.95
C ASN A 34 23.05 13.05 -5.41
N ALA A 35 23.42 11.77 -5.30
CA ALA A 35 24.76 11.35 -5.70
C ALA A 35 24.97 11.50 -7.22
N ALA A 36 23.87 11.50 -7.97
CA ALA A 36 23.95 11.60 -9.42
C ALA A 36 23.79 13.03 -9.92
N GLY A 37 23.67 13.98 -9.00
CA GLY A 37 23.61 15.39 -9.36
C GLY A 37 22.32 16.07 -8.95
N GLY A 38 21.48 15.36 -8.20
CA GLY A 38 20.21 15.91 -7.74
C GLY A 38 19.14 16.03 -8.81
N ILE A 39 18.16 16.87 -8.55
CA ILE A 39 17.10 17.11 -9.53
C ILE A 39 17.34 18.43 -10.25
N ASN A 40 17.62 18.36 -11.54
CA ASN A 40 17.93 19.55 -12.31
C ASN A 40 18.99 20.39 -11.61
N GLY A 41 20.01 19.70 -11.09
CA GLY A 41 21.14 20.36 -10.46
C GLY A 41 20.94 20.75 -9.00
N GLU A 42 19.75 20.50 -8.46
CA GLU A 42 19.46 20.83 -7.07
C GLU A 42 19.41 19.59 -6.18
N GLN A 43 20.03 19.68 -5.00
CA GLN A 43 19.98 18.58 -4.04
C GLN A 43 18.59 18.44 -3.42
N ILE A 44 18.19 17.20 -3.17
CA ILE A 44 16.96 16.93 -2.45
C ILE A 44 17.18 17.00 -0.95
N LYS A 45 16.28 17.68 -0.25
CA LYS A 45 16.28 17.69 1.21
C LYS A 45 15.02 16.99 1.70
N ILE A 46 15.19 15.95 2.51
CA ILE A 46 14.05 15.19 3.02
C ILE A 46 13.56 15.69 4.37
N VAL A 47 12.26 15.85 4.51
CA VAL A 47 11.65 16.12 5.81
C VAL A 47 10.67 14.99 6.14
N LEU A 48 10.62 14.57 7.40
CA LEU A 48 9.76 13.46 7.79
C LEU A 48 8.53 13.95 8.55
N GLY A 49 7.41 13.25 8.37
CA GLY A 49 6.20 13.55 9.13
C GLY A 49 5.47 12.27 9.47
N ASP A 50 5.21 12.08 10.77
CA ASP A 50 4.59 10.85 11.27
C ASP A 50 3.09 11.02 11.46
N ASP A 51 2.29 10.34 10.64
CA ASP A 51 0.83 10.47 10.73
C ASP A 51 0.14 9.50 11.69
N VAL A 52 0.90 8.52 12.19
CA VAL A 52 0.40 7.53 13.15
C VAL A 52 -0.89 6.84 12.65
N SER A 53 -1.07 6.81 11.34
CA SER A 53 -2.26 6.23 10.70
C SER A 53 -3.55 6.86 11.22
N ASP A 54 -3.46 8.12 11.66
CA ASP A 54 -4.59 8.83 12.23
C ASP A 54 -4.86 10.07 11.37
N PRO A 55 -6.04 10.13 10.74
CA PRO A 55 -6.33 11.26 9.84
C PRO A 55 -6.11 12.62 10.49
N LYS A 56 -6.41 12.75 11.78
CA LYS A 56 -6.24 14.04 12.47
C LYS A 56 -4.77 14.42 12.59
N GLN A 57 -3.93 13.45 12.93
CA GLN A 57 -2.50 13.71 13.06
C GLN A 57 -1.89 13.86 11.67
N GLY A 58 -2.50 13.20 10.70
CA GLY A 58 -2.12 13.36 9.31
C GLY A 58 -2.28 14.80 8.85
N ILE A 59 -3.38 15.45 9.22
CA ILE A 59 -3.54 16.82 8.74
C ILE A 59 -2.60 17.77 9.46
N SER A 60 -2.23 17.44 10.70
CA SER A 60 -1.24 18.24 11.40
C SER A 60 0.10 18.13 10.67
N VAL A 61 0.41 16.93 10.22
CA VAL A 61 1.64 16.67 9.46
C VAL A 61 1.63 17.48 8.17
N ALA A 62 0.50 17.44 7.47
CA ALA A 62 0.34 18.18 6.22
C ALA A 62 0.62 19.67 6.44
N ASN A 63 0.11 20.20 7.54
CA ASN A 63 0.35 21.61 7.87
C ASN A 63 1.81 21.93 8.14
N LYS A 64 2.47 21.05 8.89
CA LYS A 64 3.91 21.18 9.12
C LYS A 64 4.66 21.19 7.79
N PHE A 65 4.27 20.30 6.89
CA PHE A 65 4.93 20.24 5.58
C PHE A 65 4.80 21.56 4.83
N VAL A 66 3.59 22.13 4.82
CA VAL A 66 3.37 23.41 4.15
C VAL A 66 4.27 24.49 4.75
N ALA A 67 4.32 24.54 6.07
CA ALA A 67 5.10 25.54 6.78
C ALA A 67 6.59 25.43 6.47
N ASP A 68 7.06 24.19 6.28
CA ASP A 68 8.47 23.94 6.06
C ASP A 68 8.91 24.06 4.60
N GLY A 69 8.01 24.55 3.74
CA GLY A 69 8.35 24.77 2.35
C GLY A 69 8.48 23.49 1.53
N VAL A 70 7.76 22.46 1.95
CA VAL A 70 7.72 21.21 1.20
C VAL A 70 7.09 21.45 -0.18
N LYS A 71 7.63 20.79 -1.20
CA LYS A 71 7.10 20.95 -2.55
C LYS A 71 6.47 19.65 -3.07
N PHE A 72 6.96 18.52 -2.56
CA PHE A 72 6.52 17.21 -3.01
C PHE A 72 6.39 16.31 -1.78
N VAL A 73 5.35 15.48 -1.77
CA VAL A 73 5.17 14.53 -0.67
C VAL A 73 5.10 13.11 -1.22
N VAL A 74 5.97 12.24 -0.71
CA VAL A 74 5.82 10.81 -0.95
C VAL A 74 5.06 10.25 0.24
N GLY A 75 3.85 9.76 -0.01
CA GLY A 75 2.98 9.28 1.05
C GLY A 75 1.55 9.61 0.67
N HIS A 76 0.60 9.27 1.54
CA HIS A 76 0.90 8.59 2.80
C HIS A 76 0.66 7.10 2.61
N PHE A 77 0.47 6.36 3.71
CA PHE A 77 0.24 4.93 3.58
C PHE A 77 -1.25 4.63 3.53
N ASN A 78 -1.98 5.15 4.52
CA ASN A 78 -3.41 4.95 4.65
C ASN A 78 -4.21 5.88 3.76
N SER A 79 -5.23 5.34 3.10
CA SER A 79 -6.08 6.15 2.24
C SER A 79 -6.84 7.19 3.05
N GLY A 80 -7.22 6.81 4.27
CA GLY A 80 -7.94 7.72 5.16
C GLY A 80 -7.10 8.88 5.64
N VAL A 81 -5.78 8.75 5.53
CA VAL A 81 -4.88 9.86 5.82
C VAL A 81 -4.59 10.64 4.53
N SER A 82 -4.24 9.92 3.46
CA SER A 82 -3.84 10.55 2.21
C SER A 82 -4.95 11.39 1.58
N ILE A 83 -6.19 10.94 1.71
CA ILE A 83 -7.28 11.66 1.06
C ILE A 83 -7.50 13.07 1.61
N PRO A 84 -7.65 13.21 2.94
CA PRO A 84 -7.77 14.57 3.51
C PRO A 84 -6.47 15.38 3.37
N ALA A 85 -5.32 14.72 3.55
CA ALA A 85 -4.05 15.42 3.44
C ALA A 85 -3.85 16.01 2.04
N SER A 86 -4.31 15.28 1.03
CA SER A 86 -4.09 15.70 -0.36
C SER A 86 -4.82 16.99 -0.67
N GLU A 87 -5.88 17.27 0.08
CA GLU A 87 -6.61 18.51 -0.12
C GLU A 87 -5.81 19.71 0.39
N VAL A 88 -5.14 19.52 1.52
CA VAL A 88 -4.24 20.53 2.03
C VAL A 88 -3.11 20.75 1.02
N TYR A 89 -2.53 19.67 0.53
CA TYR A 89 -1.46 19.79 -0.44
C TYR A 89 -1.95 20.49 -1.70
N ALA A 90 -3.10 20.08 -2.21
CA ALA A 90 -3.64 20.61 -3.46
C ALA A 90 -3.90 22.11 -3.39
N GLU A 91 -4.23 22.59 -2.20
CA GLU A 91 -4.58 24.00 -2.02
C GLU A 91 -3.36 24.83 -1.69
N ASN A 92 -2.20 24.19 -1.61
CA ASN A 92 -0.98 24.86 -1.19
C ASN A 92 0.24 24.51 -2.04
N GLY A 93 0.01 24.23 -3.32
CA GLY A 93 1.08 24.01 -4.28
C GLY A 93 1.96 22.80 -4.08
N ILE A 94 1.41 21.73 -3.50
CA ILE A 94 2.20 20.53 -3.21
C ILE A 94 1.72 19.30 -3.97
N LEU A 95 2.63 18.67 -4.71
CA LEU A 95 2.32 17.43 -5.43
C LEU A 95 2.48 16.24 -4.49
N GLU A 96 1.50 15.35 -4.45
CA GLU A 96 1.55 14.18 -3.58
C GLU A 96 1.53 12.91 -4.41
N ILE A 97 2.55 12.07 -4.24
CA ILE A 97 2.56 10.77 -4.89
C ILE A 97 2.60 9.67 -3.83
N THR A 98 1.50 8.91 -3.73
CA THR A 98 1.43 7.86 -2.72
C THR A 98 1.98 6.53 -3.24
N PRO A 99 2.80 5.85 -2.42
CA PRO A 99 3.30 4.53 -2.83
C PRO A 99 2.37 3.39 -2.43
N ALA A 100 1.32 3.66 -1.66
CA ALA A 100 0.56 2.58 -1.04
C ALA A 100 -0.93 2.80 -0.87
N ALA A 101 -1.41 4.04 -0.92
CA ALA A 101 -2.84 4.27 -0.71
C ALA A 101 -3.63 3.87 -1.95
N THR A 102 -4.59 2.96 -1.78
CA THR A 102 -5.25 2.31 -2.92
C THR A 102 -6.75 2.63 -3.09
N ASN A 103 -7.33 3.40 -2.17
CA ASN A 103 -8.74 3.77 -2.32
C ASN A 103 -8.91 4.60 -3.59
N PRO A 104 -9.83 4.19 -4.48
CA PRO A 104 -10.07 4.90 -5.74
C PRO A 104 -10.33 6.40 -5.58
N VAL A 105 -10.97 6.78 -4.48
CA VAL A 105 -11.30 8.19 -4.24
C VAL A 105 -10.07 9.09 -4.32
N PHE A 106 -8.91 8.57 -3.94
CA PHE A 106 -7.69 9.38 -3.94
C PHE A 106 -7.44 10.08 -5.30
N THR A 107 -7.73 9.40 -6.41
CA THR A 107 -7.47 10.00 -7.74
C THR A 107 -8.75 10.31 -8.52
N GLU A 108 -9.89 10.30 -7.85
CA GLU A 108 -11.18 10.50 -8.53
C GLU A 108 -11.84 11.82 -8.15
N ARG A 109 -11.08 12.77 -7.61
CA ARG A 109 -11.62 14.03 -7.14
C ARG A 109 -11.26 15.23 -8.03
N GLY A 110 -10.54 14.97 -9.12
CA GLY A 110 -10.19 16.02 -10.06
C GLY A 110 -9.12 16.97 -9.54
N LEU A 111 -8.31 16.48 -8.61
CA LEU A 111 -7.20 17.26 -8.06
C LEU A 111 -5.99 17.18 -8.99
N TRP A 112 -5.30 18.30 -9.16
CA TRP A 112 -4.16 18.37 -10.09
C TRP A 112 -2.94 17.60 -9.56
N ASN A 113 -2.93 17.37 -8.25
CA ASN A 113 -1.70 17.00 -7.55
C ASN A 113 -1.59 15.56 -7.08
N THR A 114 -2.60 14.74 -7.34
CA THR A 114 -2.62 13.40 -6.76
C THR A 114 -2.13 12.33 -7.74
N PHE A 115 -1.12 11.57 -7.31
CA PHE A 115 -0.51 10.50 -8.12
C PHE A 115 -0.25 9.27 -7.23
N ARG A 116 -0.06 8.11 -7.84
CA ARG A 116 0.33 6.92 -7.09
C ARG A 116 1.38 6.13 -7.88
N THR A 117 2.16 5.32 -7.18
CA THR A 117 2.95 4.30 -7.85
C THR A 117 2.29 2.94 -7.62
N CYS A 118 1.24 2.91 -6.80
CA CYS A 118 0.52 1.67 -6.52
C CYS A 118 -0.80 1.59 -7.28
N GLY A 119 -1.49 0.47 -7.15
CA GLY A 119 -2.77 0.28 -7.84
C GLY A 119 -3.95 0.83 -7.07
N ARG A 120 -5.16 0.44 -7.45
CA ARG A 120 -6.36 0.87 -6.73
C ARG A 120 -7.31 -0.29 -6.47
N ASP A 121 -8.22 -0.10 -5.51
CA ASP A 121 -8.97 -1.23 -4.96
C ASP A 121 -10.09 -1.77 -5.85
N ASP A 122 -10.56 -0.98 -6.81
CA ASP A 122 -11.51 -1.52 -7.77
C ASP A 122 -10.83 -2.60 -8.63
N GLN A 123 -9.59 -2.35 -9.02
CA GLN A 123 -8.78 -3.34 -9.74
C GLN A 123 -8.50 -4.53 -8.83
N GLN A 124 -8.08 -4.24 -7.62
CA GLN A 124 -7.69 -5.28 -6.68
C GLN A 124 -8.88 -6.18 -6.30
N GLY A 125 -10.03 -5.57 -6.03
CA GLY A 125 -11.21 -6.33 -5.65
C GLY A 125 -11.71 -7.19 -6.80
N GLY A 126 -11.52 -6.71 -8.03
CA GLY A 126 -11.93 -7.45 -9.21
C GLY A 126 -11.13 -8.74 -9.33
N ILE A 127 -9.83 -8.64 -9.10
CA ILE A 127 -8.95 -9.80 -9.15
C ILE A 127 -9.28 -10.78 -8.03
N ALA A 128 -9.51 -10.27 -6.83
CA ALA A 128 -9.77 -11.14 -5.67
C ALA A 128 -11.12 -11.85 -5.77
N GLY A 129 -12.15 -11.12 -6.17
CA GLY A 129 -13.47 -11.68 -6.30
C GLY A 129 -13.50 -12.79 -7.32
N LYS A 130 -12.84 -12.58 -8.45
CA LYS A 130 -12.74 -13.59 -9.49
C LYS A 130 -11.98 -14.82 -8.96
N TYR A 131 -10.94 -14.58 -8.18
CA TYR A 131 -10.17 -15.67 -7.59
C TYR A 131 -11.02 -16.52 -6.65
N LEU A 132 -11.84 -15.87 -5.84
CA LEU A 132 -12.73 -16.57 -4.93
C LEU A 132 -13.65 -17.52 -5.70
N ALA A 133 -14.20 -17.03 -6.81
CA ALA A 133 -15.12 -17.83 -7.60
C ALA A 133 -14.40 -18.96 -8.32
N ASP A 134 -13.19 -18.68 -8.81
CA ASP A 134 -12.42 -19.67 -9.57
C ASP A 134 -11.95 -20.83 -8.70
N HIS A 135 -11.60 -20.55 -7.45
CA HIS A 135 -10.93 -21.55 -6.61
C HIS A 135 -11.75 -22.03 -5.42
N PHE A 136 -12.74 -21.25 -5.03
CA PHE A 136 -13.55 -21.59 -3.86
C PHE A 136 -15.03 -21.43 -4.21
N LYS A 137 -15.38 -21.85 -5.41
CA LYS A 137 -16.75 -21.70 -5.92
C LYS A 137 -17.81 -22.21 -4.95
N ASP A 138 -17.50 -23.27 -4.23
CA ASP A 138 -18.49 -23.92 -3.37
C ASP A 138 -18.34 -23.62 -1.88
N ALA A 139 -17.32 -22.82 -1.54
CA ALA A 139 -17.02 -22.56 -0.15
C ALA A 139 -17.98 -21.56 0.50
N LYS A 140 -18.17 -21.68 1.81
CA LYS A 140 -18.93 -20.69 2.54
C LYS A 140 -17.97 -19.58 2.95
N VAL A 141 -18.17 -18.39 2.38
CA VAL A 141 -17.26 -17.27 2.54
C VAL A 141 -17.83 -16.19 3.46
N ALA A 142 -16.99 -15.69 4.37
CA ALA A 142 -17.34 -14.56 5.20
C ALA A 142 -16.54 -13.35 4.70
N ILE A 143 -17.26 -12.25 4.46
CA ILE A 143 -16.60 -11.00 4.10
C ILE A 143 -16.55 -10.09 5.31
N ILE A 144 -15.35 -9.78 5.77
CA ILE A 144 -15.17 -8.96 6.97
C ILE A 144 -14.32 -7.75 6.62
N HIS A 145 -14.68 -6.59 7.16
CA HIS A 145 -13.91 -5.37 6.88
C HIS A 145 -13.67 -4.58 8.15
N ASP A 146 -12.76 -3.62 8.08
CA ASP A 146 -12.36 -2.88 9.27
C ASP A 146 -13.08 -1.53 9.43
N LYS A 147 -14.20 -1.36 8.72
CA LYS A 147 -15.04 -0.18 8.86
C LYS A 147 -14.39 1.14 8.44
N THR A 148 -13.32 1.07 7.67
CA THR A 148 -12.75 2.29 7.09
C THR A 148 -13.10 2.31 5.61
N PRO A 149 -13.13 3.51 5.00
CA PRO A 149 -13.34 3.53 3.55
C PRO A 149 -12.38 2.63 2.80
N TYR A 150 -11.12 2.52 3.25
CA TYR A 150 -10.20 1.58 2.60
C TYR A 150 -10.71 0.15 2.73
N GLY A 151 -10.85 -0.30 3.96
CA GLY A 151 -11.15 -1.71 4.23
C GLY A 151 -12.50 -2.12 3.70
N GLN A 152 -13.52 -1.33 4.01
CA GLN A 152 -14.88 -1.64 3.55
C GLN A 152 -14.99 -1.45 2.05
N GLY A 153 -14.27 -0.47 1.52
CA GLY A 153 -14.25 -0.24 0.07
C GLY A 153 -13.69 -1.43 -0.68
N LEU A 154 -12.56 -1.97 -0.17
CA LEU A 154 -11.97 -3.16 -0.77
C LEU A 154 -12.88 -4.38 -0.63
N ALA A 155 -13.44 -4.59 0.57
CA ALA A 155 -14.37 -5.70 0.78
C ALA A 155 -15.57 -5.60 -0.18
N ASP A 156 -16.06 -4.39 -0.40
CA ASP A 156 -17.23 -4.18 -1.26
C ASP A 156 -16.92 -4.43 -2.73
N GLU A 157 -15.74 -4.01 -3.18
CA GLU A 157 -15.32 -4.28 -4.55
C GLU A 157 -15.17 -5.79 -4.76
N THR A 158 -14.58 -6.46 -3.79
CA THR A 158 -14.40 -7.91 -3.86
C THR A 158 -15.74 -8.64 -3.84
N LYS A 159 -16.65 -8.17 -2.99
CA LYS A 159 -17.98 -8.76 -2.90
C LYS A 159 -18.71 -8.67 -4.25
N LYS A 160 -18.65 -7.49 -4.86
CA LYS A 160 -19.29 -7.27 -6.15
C LYS A 160 -18.78 -8.26 -7.20
N ALA A 161 -17.46 -8.37 -7.32
CA ALA A 161 -16.84 -9.27 -8.28
C ALA A 161 -17.13 -10.74 -8.00
N ALA A 162 -17.04 -11.14 -6.73
CA ALA A 162 -17.34 -12.51 -6.35
C ALA A 162 -18.79 -12.85 -6.63
N ASN A 163 -19.68 -11.94 -6.23
CA ASN A 163 -21.11 -12.13 -6.45
C ASN A 163 -21.42 -12.34 -7.93
N ALA A 164 -20.79 -11.52 -8.77
CA ALA A 164 -21.00 -11.58 -10.22
C ALA A 164 -20.49 -12.89 -10.80
N ALA A 165 -19.46 -13.44 -10.17
CA ALA A 165 -18.85 -14.69 -10.64
C ALA A 165 -19.47 -15.92 -10.00
N GLY A 166 -20.50 -15.73 -9.18
CA GLY A 166 -21.30 -16.84 -8.69
C GLY A 166 -21.11 -17.20 -7.23
N VAL A 167 -20.33 -16.41 -6.50
CA VAL A 167 -20.13 -16.67 -5.08
C VAL A 167 -20.91 -15.70 -4.20
N THR A 168 -21.86 -16.24 -3.44
CA THR A 168 -22.64 -15.45 -2.50
C THR A 168 -22.16 -15.71 -1.07
N GLU A 169 -21.67 -14.67 -0.41
CA GLU A 169 -21.12 -14.81 0.94
C GLU A 169 -22.21 -15.18 1.95
N VAL A 170 -21.81 -15.88 3.02
CA VAL A 170 -22.75 -16.26 4.08
C VAL A 170 -22.73 -15.24 5.21
N MET A 171 -21.70 -14.39 5.24
CA MET A 171 -21.58 -13.36 6.25
C MET A 171 -20.92 -12.11 5.69
N TYR A 172 -21.39 -10.95 6.15
CA TYR A 172 -20.76 -9.68 5.81
C TYR A 172 -20.77 -8.83 7.08
N GLU A 173 -19.58 -8.57 7.62
CA GLU A 173 -19.44 -7.96 8.94
C GLU A 173 -18.33 -6.92 8.97
N GLY A 174 -18.52 -5.90 9.80
CA GLY A 174 -17.50 -4.91 10.06
C GLY A 174 -16.97 -5.01 11.48
N VAL A 175 -15.68 -4.74 11.65
CA VAL A 175 -15.08 -4.63 12.97
C VAL A 175 -14.35 -3.31 13.06
N ASN A 176 -14.07 -2.88 14.28
CA ASN A 176 -13.38 -1.61 14.51
C ASN A 176 -11.88 -1.78 14.52
N VAL A 177 -11.16 -0.91 13.81
CA VAL A 177 -9.71 -0.88 13.91
C VAL A 177 -9.33 -0.70 15.38
N GLY A 178 -8.39 -1.52 15.85
CA GLY A 178 -7.95 -1.43 17.23
C GLY A 178 -8.63 -2.40 18.16
N ASP A 179 -9.74 -2.99 17.73
CA ASP A 179 -10.36 -4.04 18.52
C ASP A 179 -9.54 -5.31 18.36
N LYS A 180 -9.44 -6.10 19.42
CA LYS A 180 -8.49 -7.22 19.39
C LYS A 180 -9.05 -8.58 19.79
N ASP A 181 -10.26 -8.58 20.34
CA ASP A 181 -10.92 -9.83 20.68
C ASP A 181 -11.98 -10.18 19.62
N PHE A 182 -11.69 -11.22 18.83
CA PHE A 182 -12.54 -11.61 17.72
C PHE A 182 -13.26 -12.94 17.95
N SER A 183 -13.28 -13.41 19.19
CA SER A 183 -13.82 -14.74 19.48
C SER A 183 -15.29 -14.88 19.12
N ALA A 184 -16.08 -13.84 19.39
CA ALA A 184 -17.51 -13.89 19.08
C ALA A 184 -17.73 -13.95 17.56
N LEU A 185 -16.95 -13.18 16.83
CA LEU A 185 -17.04 -13.19 15.38
C LEU A 185 -16.61 -14.56 14.86
N ILE A 186 -15.50 -15.06 15.38
CA ILE A 186 -14.97 -16.36 14.99
C ILE A 186 -15.97 -17.47 15.29
N SER A 187 -16.60 -17.40 16.46
CA SER A 187 -17.64 -18.38 16.81
C SER A 187 -18.81 -18.32 15.84
N LYS A 188 -19.20 -17.11 15.46
CA LYS A 188 -20.28 -16.95 14.50
C LYS A 188 -19.91 -17.59 13.16
N MET A 189 -18.66 -17.38 12.72
CA MET A 189 -18.20 -17.96 11.48
C MET A 189 -18.19 -19.48 11.54
N LYS A 190 -17.77 -20.03 12.68
CA LYS A 190 -17.75 -21.48 12.85
C LYS A 190 -19.15 -22.06 12.71
N GLU A 191 -20.10 -21.46 13.42
CA GLU A 191 -21.48 -21.93 13.39
C GLU A 191 -22.07 -21.85 11.99
N ALA A 192 -21.57 -20.89 11.20
CA ALA A 192 -22.05 -20.69 9.85
C ALA A 192 -21.33 -21.56 8.84
N GLY A 193 -20.35 -22.33 9.30
CA GLY A 193 -19.62 -23.24 8.44
C GLY A 193 -18.64 -22.56 7.50
N VAL A 194 -18.18 -21.37 7.88
CA VAL A 194 -17.24 -20.60 7.07
C VAL A 194 -15.90 -21.31 6.88
N SER A 195 -15.42 -21.34 5.65
CA SER A 195 -14.11 -21.91 5.37
C SER A 195 -13.18 -20.91 4.67
N ILE A 196 -13.73 -19.76 4.30
CA ILE A 196 -12.93 -18.71 3.67
C ILE A 196 -13.30 -17.37 4.26
N ILE A 197 -12.30 -16.64 4.75
CA ILE A 197 -12.53 -15.30 5.27
C ILE A 197 -11.88 -14.30 4.34
N TYR A 198 -12.68 -13.44 3.73
CA TYR A 198 -12.09 -12.34 2.99
C TYR A 198 -11.98 -11.13 3.90
N TRP A 199 -10.77 -10.60 4.06
CA TRP A 199 -10.51 -9.52 4.98
C TRP A 199 -10.19 -8.21 4.24
N GLY A 200 -11.05 -7.22 4.43
CA GLY A 200 -10.81 -5.88 3.92
C GLY A 200 -10.26 -4.98 5.01
N GLY A 201 -8.93 -4.86 5.05
CA GLY A 201 -8.27 -4.13 6.11
C GLY A 201 -6.78 -4.42 6.16
N LEU A 202 -6.16 -4.10 7.29
CA LEU A 202 -4.71 -4.12 7.41
C LEU A 202 -4.18 -5.33 8.19
N HIS A 203 -2.87 -5.37 8.41
CA HIS A 203 -2.22 -6.58 8.92
C HIS A 203 -2.47 -6.88 10.40
N THR A 204 -2.67 -5.83 11.20
CA THR A 204 -2.84 -6.03 12.64
C THR A 204 -4.06 -6.88 12.93
N GLU A 205 -5.22 -6.42 12.47
CA GLU A 205 -6.45 -7.17 12.64
C GLU A 205 -6.39 -8.51 11.90
N ALA A 206 -5.77 -8.54 10.71
CA ALA A 206 -5.63 -9.79 9.97
C ALA A 206 -4.88 -10.87 10.77
N GLY A 207 -3.74 -10.49 11.35
CA GLY A 207 -2.94 -11.44 12.11
C GLY A 207 -3.66 -11.92 13.37
N LEU A 208 -4.42 -11.02 13.98
CA LEU A 208 -5.18 -11.34 15.17
C LEU A 208 -6.26 -12.37 14.85
N ILE A 209 -6.98 -12.12 13.75
CA ILE A 209 -8.01 -13.03 13.32
C ILE A 209 -7.44 -14.40 12.95
N ILE A 210 -6.32 -14.40 12.24
CA ILE A 210 -5.68 -15.65 11.86
C ILE A 210 -5.29 -16.45 13.09
N ARG A 211 -4.61 -15.79 14.02
CA ARG A 211 -4.14 -16.47 15.22
C ARG A 211 -5.29 -17.03 16.05
N GLN A 212 -6.30 -16.20 16.27
CA GLN A 212 -7.43 -16.61 17.11
C GLN A 212 -8.30 -17.68 16.45
N ALA A 213 -8.50 -17.57 15.14
CA ALA A 213 -9.27 -18.58 14.43
C ALA A 213 -8.65 -19.97 14.63
N ALA A 214 -7.33 -20.05 14.47
CA ALA A 214 -6.62 -21.30 14.67
C ALA A 214 -6.74 -21.80 16.10
N ASP A 215 -6.67 -20.88 17.06
CA ASP A 215 -6.77 -21.24 18.47
C ASP A 215 -8.18 -21.71 18.85
N GLN A 216 -9.20 -21.15 18.18
CA GLN A 216 -10.58 -21.46 18.52
C GLN A 216 -11.18 -22.61 17.71
N GLY A 217 -10.38 -23.21 16.84
CA GLY A 217 -10.81 -24.37 16.08
C GLY A 217 -11.61 -24.08 14.83
N LEU A 218 -11.48 -22.87 14.31
CA LEU A 218 -12.11 -22.52 13.04
C LEU A 218 -11.13 -22.76 11.89
N LYS A 219 -11.41 -23.76 11.07
CA LYS A 219 -10.58 -24.03 9.91
C LYS A 219 -11.04 -23.17 8.74
N ALA A 220 -10.40 -22.02 8.59
CA ALA A 220 -10.69 -21.14 7.46
C ALA A 220 -9.42 -20.49 6.97
N LYS A 221 -9.38 -20.21 5.67
CA LYS A 221 -8.24 -19.58 5.05
C LYS A 221 -8.56 -18.11 4.91
N LEU A 222 -7.67 -17.24 5.38
CA LEU A 222 -7.88 -15.81 5.22
C LEU A 222 -7.31 -15.34 3.89
N VAL A 223 -8.09 -14.51 3.21
CA VAL A 223 -7.69 -13.92 1.96
C VAL A 223 -7.80 -12.41 2.15
N SER A 224 -6.77 -11.67 1.74
CA SER A 224 -6.81 -10.22 1.89
C SER A 224 -6.17 -9.50 0.72
N GLY A 225 -5.89 -8.22 0.91
CA GLY A 225 -5.33 -7.39 -0.13
C GLY A 225 -3.95 -6.92 0.26
N ASP A 226 -3.50 -5.85 -0.37
CA ASP A 226 -2.12 -5.43 -0.21
C ASP A 226 -1.82 -4.76 1.12
N GLY A 227 -2.82 -4.72 2.00
CA GLY A 227 -2.65 -4.13 3.31
C GLY A 227 -1.97 -5.04 4.31
N ILE A 228 -1.72 -6.30 3.94
CA ILE A 228 -1.11 -7.24 4.88
C ILE A 228 0.32 -7.64 4.52
N VAL A 229 0.91 -6.98 3.53
CA VAL A 229 2.24 -7.36 3.07
C VAL A 229 3.37 -6.82 3.95
N SER A 230 3.49 -7.38 5.15
CA SER A 230 4.59 -7.09 6.03
C SER A 230 4.93 -8.32 6.85
N ASN A 231 6.22 -8.50 7.14
CA ASN A 231 6.69 -9.55 8.04
C ASN A 231 5.91 -9.56 9.35
N GLU A 232 5.45 -8.39 9.79
CA GLU A 232 4.75 -8.29 11.06
C GLU A 232 3.47 -9.15 11.09
N LEU A 233 2.87 -9.36 9.91
CA LEU A 233 1.72 -10.24 9.83
C LEU A 233 2.06 -11.61 10.40
N ALA A 234 3.19 -12.17 9.97
CA ALA A 234 3.64 -13.47 10.46
C ALA A 234 4.03 -13.42 11.93
N SER A 235 4.58 -12.29 12.38
CA SER A 235 4.93 -12.15 13.78
C SER A 235 3.70 -12.25 14.68
N ILE A 236 2.60 -11.64 14.26
CA ILE A 236 1.36 -11.65 15.04
C ILE A 236 0.64 -13.00 14.91
N ALA A 237 0.50 -13.47 13.67
CA ALA A 237 -0.27 -14.68 13.38
C ALA A 237 0.44 -15.97 13.80
N GLY A 238 1.77 -15.96 13.79
CA GLY A 238 2.53 -17.18 14.03
C GLY A 238 2.47 -18.14 12.86
N ASP A 239 2.73 -19.42 13.13
CA ASP A 239 2.72 -20.45 12.08
C ASP A 239 1.36 -20.60 11.41
N ALA A 240 0.31 -20.11 12.07
CA ALA A 240 -1.04 -20.19 11.52
C ALA A 240 -1.16 -19.37 10.23
N VAL A 241 -0.19 -18.48 9.99
CA VAL A 241 -0.23 -17.64 8.80
C VAL A 241 -0.13 -18.47 7.51
N GLU A 242 0.48 -19.66 7.60
CA GLU A 242 0.68 -20.50 6.42
C GLU A 242 -0.63 -20.74 5.66
N GLY A 243 -0.60 -20.49 4.35
CA GLY A 243 -1.78 -20.69 3.51
C GLY A 243 -2.61 -19.44 3.28
N THR A 244 -2.32 -18.39 4.05
CA THR A 244 -2.98 -17.12 3.85
C THR A 244 -2.75 -16.65 2.41
N LEU A 245 -3.74 -15.98 1.83
CA LEU A 245 -3.62 -15.46 0.46
C LEU A 245 -3.83 -13.95 0.45
N ASN A 246 -3.18 -13.26 -0.48
CA ASN A 246 -3.46 -11.83 -0.64
C ASN A 246 -3.05 -11.34 -2.00
N THR A 247 -3.73 -10.29 -2.47
CA THR A 247 -3.35 -9.66 -3.73
C THR A 247 -2.28 -8.60 -3.50
N PHE A 248 -1.42 -8.42 -4.49
CA PHE A 248 -0.38 -7.39 -4.44
C PHE A 248 0.18 -7.27 -5.85
N GLY A 249 0.83 -6.16 -6.16
CA GLY A 249 1.50 -6.04 -7.44
C GLY A 249 2.65 -7.02 -7.51
N PRO A 250 3.28 -7.14 -8.69
CA PRO A 250 4.47 -7.99 -8.79
C PRO A 250 5.54 -7.52 -7.80
N ASP A 251 6.23 -8.46 -7.17
CA ASP A 251 7.23 -8.13 -6.16
C ASP A 251 8.48 -7.49 -6.78
N PRO A 252 8.71 -6.20 -6.49
CA PRO A 252 9.82 -5.49 -7.15
C PRO A 252 11.19 -5.96 -6.65
N THR A 253 11.26 -6.57 -5.48
CA THR A 253 12.54 -7.06 -4.99
C THR A 253 13.06 -8.17 -5.88
N LEU A 254 12.17 -8.74 -6.69
CA LEU A 254 12.51 -9.87 -7.54
C LEU A 254 12.94 -9.45 -8.94
N ARG A 255 12.78 -8.18 -9.27
CA ARG A 255 13.20 -7.69 -10.57
C ARG A 255 14.71 -7.70 -10.67
N PRO A 256 15.25 -8.30 -11.76
CA PRO A 256 16.69 -8.44 -11.93
C PRO A 256 17.42 -7.10 -11.82
N GLU A 257 16.82 -6.05 -12.39
CA GLU A 257 17.43 -4.72 -12.37
C GLU A 257 17.68 -4.20 -10.95
N ASN A 258 16.95 -4.76 -10.00
CA ASN A 258 16.99 -4.28 -8.61
C ASN A 258 17.91 -5.09 -7.68
N LYS A 259 18.66 -6.04 -8.24
CA LYS A 259 19.44 -6.94 -7.39
C LYS A 259 20.45 -6.21 -6.51
N GLU A 260 21.19 -5.27 -7.09
CA GLU A 260 22.17 -4.49 -6.36
C GLU A 260 21.51 -3.56 -5.34
N LEU A 261 20.42 -2.94 -5.75
CA LEU A 261 19.69 -2.03 -4.86
C LEU A 261 19.22 -2.77 -3.61
N VAL A 262 18.65 -3.95 -3.81
CA VAL A 262 18.17 -4.76 -2.69
C VAL A 262 19.32 -5.16 -1.79
N GLU A 263 20.45 -5.56 -2.38
CA GLU A 263 21.62 -5.93 -1.58
C GLU A 263 22.14 -4.73 -0.76
N LYS A 264 22.05 -3.54 -1.32
CA LYS A 264 22.45 -2.33 -0.62
C LYS A 264 21.58 -2.03 0.60
N PHE A 265 20.27 -2.22 0.47
CA PHE A 265 19.37 -2.04 1.62
C PHE A 265 19.77 -2.99 2.74
N LYS A 266 19.97 -4.26 2.41
CA LYS A 266 20.34 -5.25 3.43
C LYS A 266 21.69 -4.97 4.08
N ALA A 267 22.63 -4.41 3.30
CA ALA A 267 23.92 -4.00 3.84
C ALA A 267 23.76 -2.83 4.82
N ALA A 268 22.65 -2.11 4.70
CA ALA A 268 22.33 -1.03 5.63
C ALA A 268 21.40 -1.48 6.75
N GLY A 269 21.09 -2.79 6.80
CA GLY A 269 20.30 -3.34 7.88
C GLY A 269 18.79 -3.32 7.72
N PHE A 270 18.32 -3.13 6.49
CA PHE A 270 16.89 -3.09 6.23
C PHE A 270 16.47 -4.10 5.17
N ASN A 271 15.37 -4.80 5.43
CA ASN A 271 14.77 -5.68 4.44
C ASN A 271 13.76 -4.88 3.61
N PRO A 272 14.08 -4.63 2.33
CA PRO A 272 13.30 -3.71 1.50
C PRO A 272 12.03 -4.32 0.89
N GLU A 273 11.24 -4.99 1.71
CA GLU A 273 10.05 -5.69 1.24
C GLU A 273 8.91 -4.74 0.84
N ALA A 274 7.96 -5.29 0.10
CA ALA A 274 6.66 -4.66 -0.15
C ALA A 274 6.75 -3.25 -0.74
N TYR A 275 6.35 -2.25 0.04
CA TYR A 275 6.26 -0.88 -0.49
C TYR A 275 7.57 -0.12 -0.54
N THR A 276 8.65 -0.71 -0.03
CA THR A 276 9.93 -0.01 0.01
C THR A 276 10.30 0.52 -1.38
N LEU A 277 10.24 -0.35 -2.39
CA LEU A 277 10.64 0.06 -3.74
C LEU A 277 9.56 0.84 -4.48
N TYR A 278 8.31 0.75 -3.98
CA TYR A 278 7.24 1.62 -4.49
C TYR A 278 7.50 3.06 -4.06
N SER A 279 8.04 3.21 -2.85
CA SER A 279 8.41 4.52 -2.34
C SER A 279 9.66 5.05 -3.07
N TYR A 280 10.66 4.18 -3.20
CA TYR A 280 11.82 4.47 -4.03
C TYR A 280 11.39 4.98 -5.43
N ALA A 281 10.46 4.24 -6.05
CA ALA A 281 10.00 4.58 -7.40
C ALA A 281 9.25 5.91 -7.47
N ALA A 282 8.54 6.25 -6.40
CA ALA A 282 7.83 7.53 -6.33
C ALA A 282 8.81 8.70 -6.44
N MET A 283 9.95 8.57 -5.75
CA MET A 283 11.00 9.57 -5.82
C MET A 283 11.59 9.65 -7.22
N GLN A 284 11.79 8.48 -7.83
CA GLN A 284 12.32 8.42 -9.17
C GLN A 284 11.38 9.07 -10.18
N ALA A 285 10.08 8.89 -9.98
CA ALA A 285 9.11 9.49 -10.90
C ALA A 285 9.17 11.01 -10.82
N ILE A 286 9.25 11.53 -9.60
CA ILE A 286 9.37 12.98 -9.41
C ILE A 286 10.60 13.53 -10.12
N ALA A 287 11.75 12.88 -9.90
CA ALA A 287 12.98 13.31 -10.54
C ALA A 287 12.90 13.21 -12.05
N GLY A 288 12.35 12.10 -12.54
CA GLY A 288 12.18 11.91 -13.97
C GLY A 288 11.31 12.98 -14.61
N ALA A 289 10.18 13.27 -13.99
CA ALA A 289 9.25 14.27 -14.52
C ALA A 289 9.84 15.67 -14.48
N ALA A 290 10.58 15.97 -13.42
CA ALA A 290 11.24 17.27 -13.29
C ALA A 290 12.22 17.49 -14.43
N LYS A 291 12.94 16.42 -14.76
CA LYS A 291 13.93 16.46 -15.85
C LYS A 291 13.25 16.75 -17.18
N ALA A 292 12.11 16.08 -17.41
CA ALA A 292 11.33 16.25 -18.63
C ALA A 292 10.67 17.62 -18.71
N ALA A 293 10.25 18.16 -17.56
CA ALA A 293 9.58 19.45 -17.49
C ALA A 293 10.55 20.62 -17.57
N GLY A 294 11.83 20.35 -17.31
CA GLY A 294 12.82 21.42 -17.16
C GLY A 294 12.46 22.36 -16.01
N SER A 295 11.78 21.82 -15.00
CA SER A 295 11.32 22.63 -13.88
C SER A 295 11.09 21.75 -12.66
N VAL A 296 11.24 22.33 -11.47
CA VAL A 296 10.89 21.63 -10.25
C VAL A 296 9.63 22.20 -9.61
N GLU A 297 8.90 23.04 -10.35
CA GLU A 297 7.62 23.56 -9.86
C GLU A 297 6.60 22.42 -9.86
N PRO A 298 5.95 22.17 -8.71
CA PRO A 298 5.07 21.00 -8.63
C PRO A 298 4.00 20.95 -9.72
N GLU A 299 3.44 22.10 -10.07
CA GLU A 299 2.42 22.14 -11.11
C GLU A 299 2.99 21.69 -12.47
N LYS A 300 4.23 22.07 -12.76
CA LYS A 300 4.86 21.69 -14.02
C LYS A 300 5.29 20.23 -14.02
N VAL A 301 5.73 19.74 -12.86
CA VAL A 301 6.11 18.34 -12.72
C VAL A 301 4.88 17.45 -12.92
N ALA A 302 3.75 17.86 -12.34
CA ALA A 302 2.49 17.13 -12.50
C ALA A 302 2.09 16.99 -13.98
N GLU A 303 2.26 18.07 -14.74
CA GLU A 303 1.93 18.03 -16.17
C GLU A 303 2.83 17.05 -16.89
N ALA A 304 4.11 17.09 -16.55
CA ALA A 304 5.09 16.21 -17.17
C ALA A 304 4.85 14.74 -16.82
N LEU A 305 4.41 14.48 -15.60
CA LEU A 305 4.11 13.12 -15.18
C LEU A 305 3.03 12.51 -16.06
N LYS A 306 2.08 13.34 -16.48
CA LYS A 306 0.94 12.84 -17.24
C LYS A 306 1.20 12.75 -18.75
N LYS A 307 2.42 13.11 -19.15
CA LYS A 307 2.77 13.13 -20.56
C LYS A 307 3.78 12.04 -20.92
N GLY A 308 4.82 11.88 -20.11
CA GLY A 308 5.94 11.03 -20.48
C GLY A 308 6.04 9.69 -19.77
N SER A 309 7.15 9.01 -19.98
CA SER A 309 7.42 7.76 -19.27
C SER A 309 8.81 7.86 -18.64
N PHE A 310 9.00 7.17 -17.52
CA PHE A 310 10.21 7.37 -16.72
C PHE A 310 10.72 6.07 -16.14
N PRO A 311 12.05 5.92 -16.08
CA PRO A 311 12.67 4.71 -15.50
C PRO A 311 12.45 4.66 -14.00
N THR A 312 12.03 3.51 -13.47
CA THR A 312 11.93 3.34 -12.03
C THR A 312 12.23 1.91 -11.62
N ALA A 313 12.31 1.68 -10.32
CA ALA A 313 12.53 0.36 -9.77
C ALA A 313 11.34 -0.57 -10.01
N LEU A 314 10.22 0.01 -10.44
CA LEU A 314 9.03 -0.78 -10.75
C LEU A 314 8.97 -1.09 -12.25
N GLY A 315 9.96 -0.61 -12.99
CA GLY A 315 9.91 -0.66 -14.45
C GLY A 315 9.50 0.69 -14.98
N GLU A 316 9.42 0.83 -16.30
CA GLU A 316 9.07 2.10 -16.89
C GLU A 316 7.65 2.53 -16.51
N ILE A 317 7.54 3.70 -15.89
CA ILE A 317 6.26 4.17 -15.37
C ILE A 317 5.70 5.34 -16.20
N SER A 318 4.39 5.35 -16.37
CA SER A 318 3.68 6.46 -16.99
C SER A 318 2.37 6.60 -16.24
N PHE A 319 1.65 7.70 -16.46
CA PHE A 319 0.47 8.02 -15.65
C PHE A 319 -0.71 8.45 -16.49
N ASP A 320 -1.92 8.01 -16.12
CA ASP A 320 -3.10 8.44 -16.84
C ASP A 320 -3.56 9.83 -16.39
N GLU A 321 -4.63 10.33 -16.99
CA GLU A 321 -5.06 11.71 -16.73
C GLU A 321 -5.47 11.95 -15.27
N LYS A 322 -5.74 10.89 -14.53
CA LYS A 322 -6.15 11.05 -13.14
C LYS A 322 -5.01 10.93 -12.14
N GLY A 323 -3.86 10.46 -12.61
CA GLY A 323 -2.71 10.28 -11.73
C GLY A 323 -2.38 8.83 -11.39
N ASP A 324 -3.19 7.90 -11.89
CA ASP A 324 -2.92 6.49 -11.67
C ASP A 324 -1.83 6.01 -12.63
N PRO A 325 -0.93 5.17 -12.13
CA PRO A 325 0.20 4.71 -12.95
C PRO A 325 -0.21 3.61 -13.91
N LYS A 326 0.55 3.47 -14.99
CA LYS A 326 0.34 2.38 -15.92
C LYS A 326 1.40 1.31 -15.69
N LEU A 327 1.08 0.38 -14.80
CA LEU A 327 2.01 -0.67 -14.39
C LEU A 327 1.31 -2.02 -14.34
N PRO A 328 2.08 -3.10 -14.18
CA PRO A 328 1.54 -4.46 -14.07
C PRO A 328 0.47 -4.59 -12.98
N GLY A 329 -0.54 -5.41 -13.25
CA GLY A 329 -1.70 -5.53 -12.37
C GLY A 329 -1.46 -6.45 -11.19
N TYR A 330 -2.50 -6.62 -10.38
CA TYR A 330 -2.42 -7.42 -9.17
C TYR A 330 -2.35 -8.91 -9.47
N VAL A 331 -1.62 -9.63 -8.62
CA VAL A 331 -1.53 -11.09 -8.69
C VAL A 331 -1.77 -11.63 -7.29
N MET A 332 -2.06 -12.92 -7.18
CA MET A 332 -2.32 -13.51 -5.87
C MET A 332 -1.07 -14.15 -5.29
N TYR A 333 -0.82 -13.88 -4.01
CA TYR A 333 0.30 -14.46 -3.28
C TYR A 333 -0.21 -15.43 -2.24
N GLU A 334 0.63 -16.38 -1.84
CA GLU A 334 0.33 -17.28 -0.74
C GLU A 334 1.46 -17.25 0.27
N TRP A 335 1.10 -17.33 1.55
CA TRP A 335 2.09 -17.26 2.61
C TRP A 335 2.70 -18.64 2.90
N LYS A 336 4.00 -18.74 2.69
CA LYS A 336 4.75 -19.98 2.86
C LYS A 336 6.11 -19.62 3.40
N LYS A 337 6.82 -20.61 3.96
CA LYS A 337 8.21 -20.37 4.35
C LYS A 337 9.08 -20.13 3.12
N GLY A 338 9.85 -19.05 3.15
CA GLY A 338 10.76 -18.73 2.08
C GLY A 338 12.08 -19.43 2.31
N PRO A 339 13.05 -19.21 1.40
CA PRO A 339 14.37 -19.84 1.49
C PRO A 339 15.09 -19.50 2.79
N ASP A 340 14.77 -18.35 3.38
CA ASP A 340 15.40 -17.93 4.64
C ASP A 340 14.69 -18.46 5.88
N GLY A 341 13.71 -19.34 5.67
CA GLY A 341 13.07 -20.04 6.78
C GLY A 341 11.95 -19.24 7.44
N LYS A 342 11.60 -18.11 6.85
CA LYS A 342 10.59 -17.24 7.43
C LYS A 342 9.33 -17.21 6.56
N PHE A 343 8.18 -17.17 7.20
CA PHE A 343 6.92 -17.07 6.46
C PHE A 343 6.83 -15.74 5.75
N THR A 344 6.52 -15.78 4.46
CA THR A 344 6.38 -14.55 3.68
C THR A 344 5.46 -14.81 2.50
N TYR A 345 5.13 -13.76 1.75
CA TYR A 345 4.23 -13.88 0.61
C TYR A 345 5.00 -14.22 -0.65
N ILE A 346 4.59 -15.30 -1.32
CA ILE A 346 5.22 -15.75 -2.55
C ILE A 346 4.18 -15.86 -3.64
N GLN A 347 4.45 -15.30 -4.81
CA GLN A 347 3.46 -15.33 -5.88
C GLN A 347 3.09 -16.78 -6.21
N GLN A 348 1.79 -17.00 -6.44
CA GLN A 348 1.33 -18.33 -6.82
C GLN A 348 1.70 -18.63 -8.27
#